data_8JV1
#
_entry.id   8JV1
#
_cell.length_a   70.005
_cell.length_b   78.348
_cell.length_c   79.725
_cell.angle_alpha   90.00
_cell.angle_beta   90.00
_cell.angle_gamma   90.00
#
_symmetry.space_group_name_H-M   'P 21 21 21'
#
loop_
_entity.id
_entity.type
_entity.pdbx_description
1 polymer 'Spermidine/putrescine-binding periplasmic protein'
2 non-polymer 'GAMMA-AMINO-BUTANOIC ACID'
3 non-polymer '2-(N-MORPHOLINO)-ETHANESULFONIC ACID'
4 non-polymer 'TETRAETHYLENE GLYCOL'
5 non-polymer GLYCEROL
6 non-polymer 'CHLORIDE ION'
7 water water
#
_entity_poly.entity_id   1
_entity_poly.type   'polypeptide(L)'
_entity_poly.pdbx_seq_one_letter_code
;MGAVTVVSWGGAYTESQKLGYGDPTAAKLGIPVNWVDYTGGLSEIKAQKEAGAITWDIMDVYAKDTIIGCDEGIFHEFDF
DKDFLPAPDGTPASQDFFTSMPSKCAVGNILYSWNFAYNDAKIGDKKPKSIKDFFNTKKFPGKRAIYKGAMSNLEIALVA
DGVKASGAQAGGDLLYRKMEGAGIDRALAKIKKLCTDPNGGCVFWNAGAQPPELLANGEVVMATGWNGRFFNAQMEGTPL
VQVWDAQILDYEYFALVKDGPGYADGSAMKVLAEMTSTEGLAGSAKYIAYAPWRKSSIAIMEAGEPWFKDGKTNMVPHMP
TAPSNLKSHILMNPDYWADNQDEINEKWEAMKAGLHHHHHH
;
_entity_poly.pdbx_strand_id   A
#
# COMPACT_ATOMS: atom_id res chain seq x y z
N GLY A 2 -3.74 -30.00 -3.04
CA GLY A 2 -3.71 -29.07 -4.16
C GLY A 2 -3.18 -27.71 -3.76
N ALA A 3 -2.53 -27.02 -4.70
CA ALA A 3 -1.88 -25.76 -4.39
C ALA A 3 -2.86 -24.60 -4.34
N VAL A 4 -2.53 -23.61 -3.53
CA VAL A 4 -3.29 -22.38 -3.40
C VAL A 4 -2.45 -21.25 -3.97
N THR A 5 -3.06 -20.41 -4.80
CA THR A 5 -2.37 -19.34 -5.51
C THR A 5 -2.72 -18.01 -4.89
N VAL A 6 -1.70 -17.32 -4.37
CA VAL A 6 -1.85 -16.02 -3.73
C VAL A 6 -1.24 -14.96 -4.64
N VAL A 7 -1.94 -13.85 -4.78
CA VAL A 7 -1.56 -12.78 -5.69
C VAL A 7 -1.13 -11.58 -4.86
N SER A 8 0.07 -11.06 -5.12
CA SER A 8 0.53 -9.89 -4.39
C SER A 8 1.43 -9.04 -5.29
N TRP A 9 2.16 -8.10 -4.70
CA TRP A 9 2.63 -6.91 -5.39
C TRP A 9 4.09 -6.98 -5.80
N GLY A 10 4.75 -8.10 -5.54
CA GLY A 10 6.09 -8.31 -6.02
C GLY A 10 7.15 -7.75 -5.10
N GLY A 11 8.39 -7.91 -5.54
CA GLY A 11 9.54 -7.32 -4.88
C GLY A 11 9.58 -7.65 -3.41
N ALA A 12 9.95 -6.64 -2.62
CA ALA A 12 10.19 -6.84 -1.19
C ALA A 12 8.90 -7.18 -0.45
N TYR A 13 7.75 -6.73 -0.96
CA TYR A 13 6.52 -7.02 -0.26
C TYR A 13 6.16 -8.51 -0.37
N THR A 14 6.11 -9.04 -1.59
CA THR A 14 5.86 -10.47 -1.71
C THR A 14 6.89 -11.28 -0.93
N GLU A 15 8.16 -10.88 -0.98
CA GLU A 15 9.18 -11.61 -0.23
C GLU A 15 8.85 -11.65 1.27
N SER A 16 8.42 -10.52 1.84
CA SER A 16 8.11 -10.49 3.27
C SER A 16 6.96 -11.44 3.59
N GLN A 17 6.01 -11.58 2.66
CA GLN A 17 4.87 -12.45 2.88
C GLN A 17 5.26 -13.91 2.73
N LYS A 18 5.99 -14.23 1.67
CA LYS A 18 6.44 -15.61 1.46
C LYS A 18 7.27 -16.09 2.63
N LEU A 19 8.26 -15.29 3.06
CA LEU A 19 9.12 -15.73 4.14
C LEU A 19 8.43 -15.63 5.50
N GLY A 20 7.64 -14.58 5.71
CA GLY A 20 7.02 -14.38 7.01
C GLY A 20 5.89 -15.35 7.32
N TYR A 21 5.08 -15.66 6.30
CA TYR A 21 3.91 -16.50 6.57
C TYR A 21 3.47 -17.44 5.46
N GLY A 22 3.83 -17.22 4.19
CA GLY A 22 3.42 -18.15 3.17
C GLY A 22 4.12 -19.49 3.25
N ASP A 23 5.45 -19.46 3.24
CA ASP A 23 6.20 -20.70 3.31
C ASP A 23 5.93 -21.43 4.62
N PRO A 24 5.89 -20.77 5.78
CA PRO A 24 5.54 -21.51 7.01
C PRO A 24 4.16 -22.12 6.95
N THR A 25 3.17 -21.42 6.39
CA THR A 25 1.83 -21.98 6.25
C THR A 25 1.83 -23.21 5.36
N ALA A 26 2.51 -23.15 4.21
CA ALA A 26 2.52 -24.29 3.31
C ALA A 26 3.12 -25.51 4.00
N ALA A 27 4.20 -25.31 4.76
CA ALA A 27 4.85 -26.43 5.43
C ALA A 27 3.97 -27.01 6.52
N LYS A 28 3.29 -26.15 7.26
CA LYS A 28 2.47 -26.62 8.38
C LYS A 28 1.24 -27.37 7.89
N LEU A 29 0.57 -26.86 6.86
CA LEU A 29 -0.71 -27.40 6.43
C LEU A 29 -0.58 -28.51 5.40
N GLY A 30 0.54 -28.60 4.70
CA GLY A 30 0.66 -29.52 3.60
C GLY A 30 -0.07 -29.08 2.36
N ILE A 31 -0.43 -27.81 2.27
CA ILE A 31 -1.05 -27.20 1.09
C ILE A 31 0.00 -26.27 0.49
N PRO A 32 0.50 -26.54 -0.72
CA PRO A 32 1.49 -25.62 -1.31
C PRO A 32 0.87 -24.25 -1.51
N VAL A 33 1.69 -23.22 -1.30
CA VAL A 33 1.28 -21.82 -1.41
C VAL A 33 2.21 -21.15 -2.43
N ASN A 34 1.65 -20.80 -3.58
CA ASN A 34 2.40 -20.18 -4.68
C ASN A 34 2.00 -18.72 -4.84
N TRP A 35 2.95 -17.91 -5.32
CA TRP A 35 2.79 -16.46 -5.41
C TRP A 35 2.82 -15.99 -6.85
N VAL A 36 1.87 -15.14 -7.21
CA VAL A 36 1.81 -14.49 -8.52
C VAL A 36 1.90 -13.00 -8.30
N ASP A 37 2.69 -12.31 -9.12
CA ASP A 37 2.82 -10.86 -9.04
C ASP A 37 1.73 -10.17 -9.86
N TYR A 38 1.22 -9.07 -9.33
CA TYR A 38 0.40 -8.13 -10.09
C TYR A 38 0.68 -6.72 -9.58
N THR A 39 -0.05 -5.75 -10.11
CA THR A 39 0.18 -4.35 -9.76
C THR A 39 -1.07 -3.68 -9.23
N GLY A 40 -2.03 -4.46 -8.76
CA GLY A 40 -3.22 -3.93 -8.11
C GLY A 40 -4.43 -3.92 -9.03
N GLY A 41 -5.58 -3.64 -8.41
CA GLY A 41 -6.84 -3.55 -9.12
C GLY A 41 -7.48 -4.90 -9.37
N LEU A 42 -8.58 -4.86 -10.12
CA LEU A 42 -9.45 -6.01 -10.28
C LEU A 42 -9.57 -6.46 -11.73
N SER A 43 -8.84 -5.84 -12.67
CA SER A 43 -9.10 -6.14 -14.08
C SER A 43 -8.76 -7.58 -14.43
N GLU A 44 -7.65 -8.11 -13.89
CA GLU A 44 -7.27 -9.49 -14.19
C GLU A 44 -8.28 -10.48 -13.65
N ILE A 45 -8.70 -10.31 -12.40
CA ILE A 45 -9.61 -11.27 -11.81
C ILE A 45 -10.98 -11.18 -12.46
N LYS A 46 -11.41 -9.97 -12.83
CA LYS A 46 -12.66 -9.84 -13.59
C LYS A 46 -12.60 -10.61 -14.91
N ALA A 47 -11.48 -10.47 -15.63
CA ALA A 47 -11.34 -11.20 -16.89
C ALA A 47 -11.39 -12.70 -16.66
N GLN A 48 -10.69 -13.19 -15.64
CA GLN A 48 -10.72 -14.61 -15.34
C GLN A 48 -12.14 -15.06 -15.00
N LYS A 49 -12.84 -14.29 -14.16
CA LYS A 49 -14.17 -14.70 -13.72
C LYS A 49 -15.15 -14.72 -14.89
N GLU A 50 -15.10 -13.71 -15.75
CA GLU A 50 -16.00 -13.66 -16.90
C GLU A 50 -15.73 -14.80 -17.88
N ALA A 51 -14.48 -15.24 -17.98
CA ALA A 51 -14.10 -16.34 -18.86
C ALA A 51 -14.36 -17.71 -18.24
N GLY A 52 -14.81 -17.77 -16.98
CA GLY A 52 -14.98 -19.07 -16.33
C GLY A 52 -13.67 -19.79 -16.15
N ALA A 53 -12.57 -19.07 -15.94
CA ALA A 53 -11.24 -19.64 -15.90
C ALA A 53 -10.43 -18.97 -14.78
N ILE A 54 -10.90 -19.11 -13.54
CA ILE A 54 -10.24 -18.49 -12.40
C ILE A 54 -9.09 -19.37 -11.95
N THR A 55 -7.88 -18.81 -11.90
CA THR A 55 -6.73 -19.52 -11.38
C THR A 55 -6.17 -18.92 -10.10
N TRP A 56 -6.68 -17.77 -9.67
CA TRP A 56 -6.24 -17.11 -8.45
C TRP A 56 -7.16 -17.47 -7.30
N ASP A 57 -6.58 -17.74 -6.12
CA ASP A 57 -7.35 -18.08 -4.92
C ASP A 57 -7.50 -16.94 -3.92
N ILE A 58 -6.40 -16.28 -3.59
CA ILE A 58 -6.35 -15.26 -2.56
C ILE A 58 -5.64 -14.07 -3.18
N MET A 59 -6.21 -12.88 -3.01
CA MET A 59 -5.59 -11.67 -3.54
C MET A 59 -5.26 -10.72 -2.40
N ASP A 60 -4.03 -10.23 -2.39
CA ASP A 60 -3.63 -9.11 -1.55
C ASP A 60 -4.03 -7.85 -2.31
N VAL A 61 -4.92 -7.06 -1.72
CA VAL A 61 -5.60 -5.98 -2.43
C VAL A 61 -5.57 -4.67 -1.68
N TYR A 62 -5.64 -3.59 -2.45
CA TYR A 62 -5.97 -2.27 -1.94
C TYR A 62 -7.28 -2.33 -1.15
N ALA A 63 -7.35 -1.47 -0.13
CA ALA A 63 -8.55 -1.35 0.68
C ALA A 63 -9.79 -1.12 -0.18
N LYS A 64 -9.72 -0.20 -1.15
CA LYS A 64 -10.89 0.11 -1.98
C LYS A 64 -11.35 -1.11 -2.76
N ASP A 65 -10.43 -2.00 -3.10
CA ASP A 65 -10.80 -3.16 -3.89
C ASP A 65 -11.46 -4.26 -3.07
N THR A 66 -11.28 -4.26 -1.74
CA THR A 66 -12.11 -5.15 -0.92
C THR A 66 -13.58 -4.76 -1.05
N ILE A 67 -13.86 -3.46 -1.09
CA ILE A 67 -15.21 -2.96 -1.19
C ILE A 67 -15.78 -3.30 -2.56
N ILE A 68 -15.05 -2.90 -3.61
CA ILE A 68 -15.54 -3.11 -4.96
C ILE A 68 -15.71 -4.60 -5.26
N GLY A 69 -14.71 -5.40 -4.90
CA GLY A 69 -14.77 -6.82 -5.20
C GLY A 69 -15.86 -7.54 -4.43
N CYS A 70 -16.20 -7.03 -3.24
CA CYS A 70 -17.34 -7.57 -2.53
C CYS A 70 -18.63 -7.19 -3.24
N ASP A 71 -18.77 -5.91 -3.60
CA ASP A 71 -20.00 -5.45 -4.23
C ASP A 71 -20.24 -6.10 -5.58
N GLU A 72 -19.15 -6.48 -6.28
CA GLU A 72 -19.26 -7.15 -7.57
C GLU A 72 -19.38 -8.66 -7.46
N GLY A 73 -19.37 -9.21 -6.27
CA GLY A 73 -19.51 -10.65 -6.12
C GLY A 73 -18.28 -11.44 -6.52
N ILE A 74 -17.10 -10.81 -6.55
CA ILE A 74 -15.86 -11.53 -6.84
C ILE A 74 -15.35 -12.25 -5.61
N PHE A 75 -15.43 -11.59 -4.46
CA PHE A 75 -14.81 -12.06 -3.23
C PHE A 75 -15.84 -12.65 -2.27
N HIS A 76 -15.34 -13.51 -1.39
CA HIS A 76 -16.17 -14.20 -0.42
C HIS A 76 -16.41 -13.34 0.82
N GLU A 77 -17.67 -13.27 1.26
CA GLU A 77 -18.00 -12.58 2.50
C GLU A 77 -17.67 -13.47 3.70
N PHE A 78 -16.73 -13.02 4.53
CA PHE A 78 -16.30 -13.80 5.69
C PHE A 78 -17.29 -13.71 6.84
N ASP A 79 -17.26 -14.73 7.68
CA ASP A 79 -17.88 -14.73 9.00
C ASP A 79 -16.70 -14.63 9.95
N PHE A 80 -16.38 -13.40 10.37
CA PHE A 80 -15.01 -13.07 10.72
C PHE A 80 -14.45 -13.96 11.83
N ASP A 81 -15.20 -14.10 12.94
CA ASP A 81 -14.67 -14.83 14.08
C ASP A 81 -14.77 -16.33 13.93
N LYS A 82 -15.56 -16.82 12.97
CA LYS A 82 -15.51 -18.24 12.64
C LYS A 82 -14.39 -18.56 11.67
N ASP A 83 -14.07 -17.63 10.76
CA ASP A 83 -13.11 -17.92 9.70
C ASP A 83 -11.67 -17.62 10.11
N PHE A 84 -11.45 -16.64 10.98
CA PHE A 84 -10.10 -16.22 11.34
C PHE A 84 -9.76 -16.61 12.77
N LEU A 85 -8.48 -16.75 13.02
CA LEU A 85 -8.05 -17.39 14.25
C LEU A 85 -8.02 -16.40 15.40
N PRO A 86 -8.37 -16.83 16.61
CA PRO A 86 -8.20 -15.96 17.77
C PRO A 86 -6.73 -15.69 18.05
N ALA A 87 -6.47 -14.63 18.81
CA ALA A 87 -5.14 -14.44 19.34
C ALA A 87 -4.80 -15.60 20.28
N PRO A 88 -3.50 -15.83 20.55
CA PRO A 88 -3.12 -16.91 21.46
C PRO A 88 -3.82 -16.89 22.81
N ASP A 89 -4.11 -15.72 23.37
CA ASP A 89 -4.76 -15.63 24.67
C ASP A 89 -6.26 -15.87 24.61
N GLY A 90 -6.81 -16.14 23.42
CA GLY A 90 -8.23 -16.38 23.24
C GLY A 90 -9.02 -15.21 22.70
N THR A 91 -8.42 -14.02 22.58
CA THR A 91 -9.15 -12.86 22.06
C THR A 91 -9.69 -13.18 20.67
N PRO A 92 -10.99 -13.07 20.42
CA PRO A 92 -11.50 -13.31 19.06
C PRO A 92 -10.85 -12.38 18.06
N ALA A 93 -10.74 -12.88 16.82
CA ALA A 93 -10.06 -12.13 15.77
C ALA A 93 -10.61 -10.72 15.63
N SER A 94 -11.93 -10.55 15.69
CA SER A 94 -12.51 -9.23 15.48
C SER A 94 -12.07 -8.23 16.54
N GLN A 95 -11.70 -8.69 17.74
CA GLN A 95 -11.20 -7.83 18.80
C GLN A 95 -9.68 -7.68 18.77
N ASP A 96 -8.99 -8.54 18.02
CA ASP A 96 -7.54 -8.50 17.92
C ASP A 96 -7.10 -7.60 16.77
N PHE A 97 -7.70 -7.77 15.58
CA PHE A 97 -7.53 -6.79 14.52
C PHE A 97 -7.92 -5.41 15.09
N PHE A 98 -7.07 -4.40 14.83
CA PHE A 98 -7.10 -3.23 15.70
C PHE A 98 -8.31 -2.34 15.45
N THR A 99 -8.95 -2.45 14.29
CA THR A 99 -10.17 -1.71 14.00
C THR A 99 -11.06 -2.59 13.14
N SER A 100 -12.19 -2.05 12.70
CA SER A 100 -13.15 -2.80 11.90
C SER A 100 -12.66 -2.97 10.46
N MET A 101 -13.24 -3.95 9.77
CA MET A 101 -12.96 -4.18 8.37
C MET A 101 -13.78 -3.21 7.50
N PRO A 102 -13.24 -2.84 6.34
CA PRO A 102 -13.97 -1.91 5.46
C PRO A 102 -15.02 -2.59 4.61
N SER A 103 -15.05 -3.91 4.59
CA SER A 103 -15.99 -4.70 3.82
CA SER A 103 -16.01 -4.68 3.84
C SER A 103 -16.06 -6.08 4.44
N LYS A 104 -17.18 -6.77 4.23
CA LYS A 104 -17.28 -8.13 4.72
C LYS A 104 -16.32 -9.08 4.03
N CYS A 105 -15.77 -8.68 2.88
CA CYS A 105 -14.84 -9.49 2.12
C CYS A 105 -13.38 -9.25 2.48
N ALA A 106 -13.09 -8.42 3.48
CA ALA A 106 -11.72 -8.04 3.81
C ALA A 106 -11.20 -8.74 5.06
N VAL A 107 -9.95 -9.15 5.04
CA VAL A 107 -9.21 -9.48 6.26
C VAL A 107 -7.85 -8.77 6.18
N GLY A 108 -7.51 -8.05 7.23
CA GLY A 108 -6.27 -7.30 7.21
C GLY A 108 -5.04 -8.18 7.22
N ASN A 109 -3.96 -7.65 6.63
CA ASN A 109 -2.63 -8.21 6.88
C ASN A 109 -1.73 -7.16 7.53
N ILE A 110 -1.33 -6.11 6.79
CA ILE A 110 -0.44 -5.09 7.31
C ILE A 110 -0.97 -3.68 7.01
N LEU A 111 -0.34 -2.72 7.67
CA LEU A 111 -0.48 -1.30 7.39
C LEU A 111 0.80 -0.79 6.74
N TYR A 112 0.63 0.12 5.77
CA TYR A 112 1.74 0.66 5.01
C TYR A 112 1.51 2.14 4.80
N SER A 113 2.57 2.84 4.38
CA SER A 113 2.48 4.26 4.06
C SER A 113 2.86 4.54 2.63
N TRP A 114 2.13 5.46 2.03
CA TRP A 114 2.59 6.18 0.84
C TRP A 114 3.40 7.37 1.34
N ASN A 115 4.65 7.46 0.93
CA ASN A 115 5.45 8.62 1.30
C ASN A 115 6.34 8.99 0.10
N PHE A 116 7.48 9.64 0.32
CA PHE A 116 8.40 9.83 -0.79
C PHE A 116 9.82 9.72 -0.26
N ALA A 117 10.76 9.61 -1.20
CA ALA A 117 12.16 9.48 -0.85
C ALA A 117 13.02 10.23 -1.85
N TYR A 118 14.26 10.46 -1.45
CA TYR A 118 15.31 10.96 -2.32
C TYR A 118 16.55 10.12 -2.09
N ASN A 119 17.51 10.25 -3.00
CA ASN A 119 18.81 9.58 -2.88
C ASN A 119 19.77 10.59 -2.26
N ASP A 120 20.19 10.34 -1.01
CA ASP A 120 21.01 11.30 -0.30
C ASP A 120 22.35 11.52 -0.96
N ALA A 121 22.84 10.55 -1.73
CA ALA A 121 24.13 10.66 -2.40
C ALA A 121 24.05 11.45 -3.70
N LYS A 122 22.85 11.65 -4.24
CA LYS A 122 22.68 12.34 -5.51
C LYS A 122 21.96 13.66 -5.41
N ILE A 123 21.19 13.89 -4.34
CA ILE A 123 20.26 15.03 -4.32
C ILE A 123 21.01 16.36 -4.25
N GLY A 124 22.17 16.41 -3.62
CA GLY A 124 22.91 17.64 -3.41
C GLY A 124 22.89 18.09 -1.96
N ASP A 125 23.42 19.29 -1.74
CA ASP A 125 23.59 19.78 -0.37
C ASP A 125 22.25 20.09 0.30
N LYS A 126 21.30 20.64 -0.46
CA LYS A 126 19.97 20.91 0.09
C LYS A 126 19.17 19.61 0.12
N LYS A 127 18.49 19.37 1.23
CA LYS A 127 17.81 18.10 1.47
C LYS A 127 16.30 18.30 1.57
N PRO A 128 15.50 17.61 0.77
CA PRO A 128 14.05 17.72 0.92
C PRO A 128 13.60 17.30 2.31
N LYS A 129 12.60 18.01 2.83
CA LYS A 129 12.08 17.73 4.17
C LYS A 129 10.55 17.73 4.24
N SER A 130 9.84 18.18 3.21
CA SER A 130 8.40 18.36 3.29
C SER A 130 7.76 17.96 1.97
N ILE A 131 6.44 17.77 2.01
CA ILE A 131 5.73 17.53 0.76
C ILE A 131 5.75 18.76 -0.14
N LYS A 132 5.85 19.97 0.44
CA LYS A 132 6.01 21.15 -0.40
C LYS A 132 7.31 21.07 -1.18
N ASP A 133 8.37 20.55 -0.57
CA ASP A 133 9.64 20.37 -1.28
C ASP A 133 9.48 19.43 -2.49
N PHE A 134 8.64 18.40 -2.36
CA PHE A 134 8.39 17.50 -3.48
C PHE A 134 7.92 18.27 -4.71
N PHE A 135 7.12 19.31 -4.49
CA PHE A 135 6.57 20.12 -5.58
C PHE A 135 7.41 21.35 -5.93
N ASN A 136 8.52 21.58 -5.23
CA ASN A 136 9.28 22.82 -5.37
C ASN A 136 10.40 22.61 -6.39
N THR A 137 10.13 22.96 -7.65
CA THR A 137 11.10 22.77 -8.71
C THR A 137 12.17 23.84 -8.75
N LYS A 138 11.95 24.97 -8.06
CA LYS A 138 12.98 26.00 -8.01
C LYS A 138 14.07 25.60 -7.01
N LYS A 139 13.68 25.17 -5.82
CA LYS A 139 14.66 24.74 -4.84
C LYS A 139 15.24 23.38 -5.20
N PHE A 140 14.42 22.50 -5.76
CA PHE A 140 14.82 21.13 -6.11
C PHE A 140 14.44 20.84 -7.56
N PRO A 141 15.23 21.31 -8.52
CA PRO A 141 14.94 20.98 -9.92
C PRO A 141 15.17 19.51 -10.20
N GLY A 142 14.35 18.97 -11.11
CA GLY A 142 14.56 17.62 -11.60
C GLY A 142 13.26 16.84 -11.76
N LYS A 143 13.35 15.67 -12.37
CA LYS A 143 12.16 14.87 -12.58
C LYS A 143 11.70 14.26 -11.27
N ARG A 144 10.38 14.07 -11.16
CA ARG A 144 9.77 13.34 -10.06
C ARG A 144 9.15 12.06 -10.60
N ALA A 145 9.10 11.03 -9.76
CA ALA A 145 8.26 9.87 -10.03
C ALA A 145 7.03 9.97 -9.14
N ILE A 146 5.85 9.80 -9.75
CA ILE A 146 4.58 9.80 -9.03
C ILE A 146 3.77 8.59 -9.49
N TYR A 147 2.81 8.20 -8.67
CA TYR A 147 2.04 7.00 -8.95
C TYR A 147 1.21 7.17 -10.23
N LYS A 148 1.01 6.06 -10.95
CA LYS A 148 0.31 6.12 -12.23
C LYS A 148 -1.14 6.57 -12.08
N GLY A 149 -1.76 6.31 -10.93
CA GLY A 149 -3.17 6.60 -10.72
C GLY A 149 -3.39 7.89 -9.94
N ALA A 150 -4.62 8.39 -9.98
CA ALA A 150 -4.97 9.60 -9.22
C ALA A 150 -4.90 9.36 -7.71
N MET A 151 -5.21 8.15 -7.27
CA MET A 151 -5.24 7.87 -5.84
C MET A 151 -3.87 8.11 -5.23
N SER A 152 -3.86 8.82 -4.10
CA SER A 152 -2.69 9.28 -3.37
C SER A 152 -2.13 10.60 -3.92
N ASN A 153 -2.10 10.73 -5.24
CA ASN A 153 -1.60 11.96 -5.86
C ASN A 153 -2.49 13.15 -5.53
N LEU A 154 -3.80 12.96 -5.58
CA LEU A 154 -4.66 14.13 -5.33
C LEU A 154 -4.54 14.58 -3.88
N GLU A 155 -4.44 13.63 -2.94
CA GLU A 155 -4.28 13.97 -1.54
C GLU A 155 -3.00 14.77 -1.30
N ILE A 156 -1.86 14.27 -1.78
CA ILE A 156 -0.60 14.95 -1.49
C ILE A 156 -0.56 16.30 -2.20
N ALA A 157 -1.16 16.40 -3.38
CA ALA A 157 -1.18 17.67 -4.09
C ALA A 157 -1.93 18.72 -3.28
N LEU A 158 -3.09 18.34 -2.73
CA LEU A 158 -3.86 19.30 -1.94
C LEU A 158 -3.12 19.71 -0.68
N VAL A 159 -2.48 18.75 0.00
CA VAL A 159 -1.75 19.11 1.20
C VAL A 159 -0.56 20.00 0.86
N ALA A 160 0.11 19.73 -0.28
CA ALA A 160 1.18 20.61 -0.71
C ALA A 160 0.68 22.00 -1.08
N ASP A 161 -0.60 22.12 -1.46
CA ASP A 161 -1.25 23.40 -1.69
C ASP A 161 -1.71 24.06 -0.41
N GLY A 162 -1.40 23.49 0.75
CA GLY A 162 -1.77 24.10 2.00
C GLY A 162 -3.16 23.76 2.49
N VAL A 163 -3.84 22.79 1.86
CA VAL A 163 -5.11 22.30 2.39
C VAL A 163 -4.80 21.32 3.52
N LYS A 164 -5.57 21.38 4.59
CA LYS A 164 -5.23 20.67 5.82
C LYS A 164 -5.85 19.27 5.83
N ALA A 165 -5.03 18.27 6.10
CA ALA A 165 -5.52 16.94 6.45
C ALA A 165 -5.53 16.83 7.97
N SER A 166 -6.32 15.89 8.48
CA SER A 166 -6.42 15.70 9.93
C SER A 166 -5.65 14.50 10.44
N GLY A 167 -5.29 13.56 9.59
CA GLY A 167 -4.89 12.25 10.06
C GLY A 167 -6.10 11.50 10.57
N ALA A 168 -5.82 10.32 11.11
CA ALA A 168 -6.90 9.45 11.55
C ALA A 168 -7.74 10.10 12.64
N GLN A 169 -9.06 9.95 12.51
CA GLN A 169 -10.02 10.32 13.54
C GLN A 169 -11.35 9.71 13.11
N ALA A 170 -12.30 9.71 14.04
CA ALA A 170 -13.61 9.16 13.74
C ALA A 170 -14.21 9.84 12.52
N GLY A 171 -14.68 9.03 11.56
CA GLY A 171 -15.20 9.54 10.30
C GLY A 171 -14.19 9.62 9.17
N GLY A 172 -12.94 9.31 9.44
CA GLY A 172 -11.91 9.39 8.43
C GLY A 172 -11.27 10.76 8.37
N ASP A 173 -10.33 10.87 7.47
CA ASP A 173 -9.58 12.12 7.35
C ASP A 173 -10.48 13.24 6.84
N LEU A 174 -10.37 14.40 7.47
CA LEU A 174 -11.11 15.58 7.02
C LEU A 174 -10.72 16.03 5.62
N LEU A 175 -9.57 15.58 5.11
CA LEU A 175 -9.15 16.00 3.77
C LEU A 175 -10.20 15.64 2.73
N TYR A 176 -10.89 14.52 2.90
CA TYR A 176 -11.75 14.02 1.83
C TYR A 176 -12.96 14.90 1.59
N ARG A 177 -13.44 15.61 2.62
CA ARG A 177 -14.51 16.56 2.44
C ARG A 177 -14.08 17.75 1.59
N LYS A 178 -12.77 17.93 1.42
CA LYS A 178 -12.19 19.00 0.62
C LYS A 178 -11.81 18.50 -0.77
N MET A 179 -12.25 17.30 -1.12
CA MET A 179 -11.94 16.67 -2.41
C MET A 179 -13.24 16.47 -3.19
N GLU A 180 -14.08 17.49 -3.22
CA GLU A 180 -15.20 17.53 -4.14
C GLU A 180 -14.68 18.12 -5.45
N GLY A 181 -15.58 18.53 -6.33
CA GLY A 181 -15.15 18.92 -7.68
C GLY A 181 -14.07 19.97 -7.69
N ALA A 182 -14.24 21.03 -6.91
CA ALA A 182 -13.27 22.12 -6.91
C ALA A 182 -11.92 21.66 -6.40
N GLY A 183 -11.91 20.86 -5.33
CA GLY A 183 -10.66 20.35 -4.79
C GLY A 183 -9.97 19.41 -5.75
N ILE A 184 -10.73 18.54 -6.41
CA ILE A 184 -10.16 17.67 -7.43
C ILE A 184 -9.51 18.50 -8.53
N ASP A 185 -10.20 19.55 -8.99
CA ASP A 185 -9.63 20.37 -10.05
C ASP A 185 -8.34 21.04 -9.61
N ARG A 186 -8.27 21.51 -8.35
CA ARG A 186 -7.03 22.11 -7.85
C ARG A 186 -5.92 21.07 -7.84
N ALA A 187 -6.22 19.86 -7.38
CA ALA A 187 -5.20 18.82 -7.30
C ALA A 187 -4.69 18.45 -8.69
N LEU A 188 -5.59 18.34 -9.66
CA LEU A 188 -5.18 18.03 -11.02
C LEU A 188 -4.30 19.12 -11.59
N ALA A 189 -4.64 20.38 -11.32
CA ALA A 189 -3.84 21.50 -11.79
C ALA A 189 -2.43 21.48 -11.18
N LYS A 190 -2.35 21.09 -9.89
CA LYS A 190 -1.07 21.04 -9.20
C LYS A 190 -0.16 19.97 -9.81
N ILE A 191 -0.71 18.78 -10.05
CA ILE A 191 0.07 17.72 -10.69
C ILE A 191 0.46 18.13 -12.11
N LYS A 192 -0.49 18.66 -12.88
CA LYS A 192 -0.17 19.11 -14.23
C LYS A 192 0.97 20.11 -14.21
N LYS A 193 0.95 21.04 -13.24
CA LYS A 193 2.01 22.04 -13.13
C LYS A 193 3.36 21.40 -12.91
N LEU A 194 3.45 20.45 -11.96
CA LEU A 194 4.70 19.75 -11.72
C LEU A 194 5.18 19.04 -12.97
N CYS A 195 4.29 18.35 -13.65
CA CYS A 195 4.71 17.51 -14.76
C CYS A 195 5.02 18.31 -16.02
N THR A 196 4.50 19.53 -16.15
CA THR A 196 4.78 20.35 -17.33
C THR A 196 5.93 21.32 -17.10
N ASP A 197 6.37 21.49 -15.88
CA ASP A 197 7.45 22.43 -15.58
C ASP A 197 8.75 21.93 -16.20
N PRO A 198 9.45 22.76 -16.97
CA PRO A 198 10.73 22.30 -17.55
C PRO A 198 11.75 21.89 -16.49
N ASN A 199 11.63 22.42 -15.27
CA ASN A 199 12.48 22.03 -14.16
C ASN A 199 11.85 20.98 -13.27
N GLY A 200 10.74 20.41 -13.70
CA GLY A 200 10.14 19.27 -13.05
C GLY A 200 10.02 18.12 -14.01
N GLY A 201 8.80 17.71 -14.32
CA GLY A 201 8.55 16.56 -15.15
C GLY A 201 8.27 15.32 -14.33
N CYS A 202 7.55 14.37 -14.93
CA CYS A 202 7.03 13.23 -14.19
C CYS A 202 7.25 11.92 -14.92
N VAL A 203 7.69 10.92 -14.16
CA VAL A 203 7.65 9.52 -14.53
C VAL A 203 6.54 8.90 -13.69
N PHE A 204 5.64 8.16 -14.32
CA PHE A 204 4.52 7.52 -13.63
C PHE A 204 4.88 6.08 -13.31
N TRP A 205 4.99 5.76 -12.02
CA TRP A 205 5.35 4.41 -11.62
C TRP A 205 4.11 3.55 -11.42
N ASN A 206 4.27 2.26 -11.71
CA ASN A 206 3.20 1.29 -11.60
C ASN A 206 3.49 0.19 -10.62
N ALA A 207 4.67 -0.37 -10.65
CA ALA A 207 5.06 -1.43 -9.73
C ALA A 207 5.81 -0.83 -8.54
N GLY A 208 5.59 -1.42 -7.37
CA GLY A 208 6.17 -0.88 -6.15
C GLY A 208 7.67 -0.87 -6.13
N ALA A 209 8.32 -1.72 -6.93
CA ALA A 209 9.76 -1.73 -6.98
C ALA A 209 10.34 -0.57 -7.76
N GLN A 210 9.52 0.15 -8.53
CA GLN A 210 10.06 1.18 -9.40
C GLN A 210 10.59 2.40 -8.66
N PRO A 211 9.88 2.96 -7.67
CA PRO A 211 10.40 4.18 -7.01
C PRO A 211 11.81 4.01 -6.46
N PRO A 212 12.13 2.97 -5.69
CA PRO A 212 13.51 2.87 -5.20
C PRO A 212 14.52 2.69 -6.31
N GLU A 213 14.17 1.94 -7.36
CA GLU A 213 15.07 1.75 -8.48
C GLU A 213 15.34 3.05 -9.23
N LEU A 214 14.31 3.84 -9.50
CA LEU A 214 14.47 5.12 -10.17
C LEU A 214 15.38 6.05 -9.37
N LEU A 215 15.25 6.04 -8.04
CA LEU A 215 16.14 6.86 -7.20
C LEU A 215 17.55 6.31 -7.17
N ALA A 216 17.70 4.98 -7.07
CA ALA A 216 19.02 4.38 -7.03
C ALA A 216 19.80 4.70 -8.29
N ASN A 217 19.11 4.78 -9.42
CA ASN A 217 19.75 5.01 -10.71
C ASN A 217 19.80 6.48 -11.09
N GLY A 218 19.31 7.37 -10.25
CA GLY A 218 19.37 8.79 -10.55
C GLY A 218 18.45 9.25 -11.65
N GLU A 219 17.40 8.50 -11.95
CA GLU A 219 16.48 8.87 -13.03
C GLU A 219 15.49 9.95 -12.60
N VAL A 220 15.20 10.06 -11.30
CA VAL A 220 14.39 11.13 -10.74
C VAL A 220 15.10 11.62 -9.48
N VAL A 221 14.80 12.85 -9.09
CA VAL A 221 15.38 13.42 -7.87
C VAL A 221 14.56 13.07 -6.63
N MET A 222 13.25 12.86 -6.78
CA MET A 222 12.36 12.46 -5.71
C MET A 222 11.30 11.56 -6.30
N ALA A 223 10.87 10.56 -5.51
CA ALA A 223 9.87 9.60 -5.95
C ALA A 223 8.93 9.32 -4.80
N THR A 224 7.63 9.40 -5.05
CA THR A 224 6.70 8.80 -4.12
C THR A 224 6.81 7.28 -4.20
N GLY A 225 6.31 6.60 -3.18
CA GLY A 225 6.36 5.15 -3.13
C GLY A 225 5.80 4.64 -1.82
N TRP A 226 5.91 3.35 -1.63
CA TRP A 226 5.47 2.70 -0.40
C TRP A 226 6.67 2.53 0.51
N ASN A 227 6.48 2.85 1.80
CA ASN A 227 7.64 2.98 2.69
C ASN A 227 8.44 1.69 2.79
N GLY A 228 7.77 0.54 2.68
CA GLY A 228 8.48 -0.72 2.80
C GLY A 228 9.43 -0.98 1.67
N ARG A 229 9.11 -0.46 0.48
CA ARG A 229 9.99 -0.62 -0.66
C ARG A 229 11.23 0.25 -0.51
N PHE A 230 11.07 1.46 0.02
CA PHE A 230 12.23 2.29 0.34
C PHE A 230 13.05 1.68 1.46
N PHE A 231 12.37 1.18 2.51
CA PHE A 231 13.05 0.52 3.61
C PHE A 231 13.93 -0.64 3.12
N ASN A 232 13.37 -1.47 2.23
CA ASN A 232 14.13 -2.60 1.73
C ASN A 232 15.41 -2.12 1.03
N ALA A 233 15.29 -1.10 0.19
CA ALA A 233 16.45 -0.56 -0.50
C ALA A 233 17.46 -0.01 0.49
N GLN A 234 16.99 0.67 1.54
CA GLN A 234 17.90 1.17 2.57
C GLN A 234 18.66 0.03 3.23
N MET A 235 17.97 -1.05 3.57
CA MET A 235 18.65 -2.17 4.23
C MET A 235 19.60 -2.88 3.29
N GLU A 236 19.42 -2.74 1.98
CA GLU A 236 20.36 -3.27 1.02
C GLU A 236 21.54 -2.34 0.78
N GLY A 237 21.57 -1.19 1.43
CA GLY A 237 22.70 -0.28 1.34
C GLY A 237 22.50 0.91 0.43
N THR A 238 21.34 1.06 -0.18
CA THR A 238 21.10 2.22 -1.04
C THR A 238 20.81 3.44 -0.16
N PRO A 239 21.51 4.57 -0.35
CA PRO A 239 21.40 5.71 0.57
C PRO A 239 20.16 6.57 0.36
N LEU A 240 18.99 5.93 0.34
CA LEU A 240 17.75 6.66 0.26
C LEU A 240 17.41 7.25 1.63
N VAL A 241 16.68 8.36 1.60
CA VAL A 241 16.09 8.96 2.79
C VAL A 241 14.60 9.14 2.52
N GLN A 242 13.76 8.63 3.43
CA GLN A 242 12.32 8.78 3.32
C GLN A 242 11.87 10.05 4.02
N VAL A 243 10.90 10.73 3.41
CA VAL A 243 10.29 11.92 3.97
C VAL A 243 8.83 11.57 4.28
N TRP A 244 8.42 11.82 5.52
CA TRP A 244 7.15 11.34 6.03
C TRP A 244 6.11 12.44 6.16
N ASP A 245 6.45 13.67 5.83
CA ASP A 245 5.46 14.75 5.84
C ASP A 245 4.37 14.44 4.82
N ALA A 246 3.11 14.47 5.26
CA ALA A 246 1.98 14.14 4.40
C ALA A 246 2.04 12.71 3.89
N GLN A 247 2.68 11.81 4.63
CA GLN A 247 2.54 10.39 4.31
C GLN A 247 1.06 10.00 4.42
N ILE A 248 0.64 9.06 3.59
CA ILE A 248 -0.70 8.52 3.67
C ILE A 248 -0.64 7.16 4.31
N LEU A 249 -1.27 7.04 5.49
CA LEU A 249 -1.37 5.77 6.17
C LEU A 249 -2.51 4.96 5.57
N ASP A 250 -2.19 3.75 5.13
CA ASP A 250 -3.12 2.90 4.40
C ASP A 250 -3.10 1.50 5.01
N TYR A 251 -4.16 0.76 4.74
CA TYR A 251 -4.41 -0.55 5.31
C TYR A 251 -4.50 -1.53 4.17
N GLU A 252 -3.79 -2.65 4.28
CA GLU A 252 -3.78 -3.68 3.25
C GLU A 252 -4.54 -4.92 3.73
N TYR A 253 -5.06 -5.68 2.76
CA TYR A 253 -5.95 -6.79 3.05
C TYR A 253 -5.69 -7.96 2.13
N PHE A 254 -6.15 -9.13 2.54
CA PHE A 254 -6.45 -10.24 1.67
C PHE A 254 -7.94 -10.33 1.44
N ALA A 255 -8.30 -10.90 0.30
CA ALA A 255 -9.66 -11.31 -0.04
C ALA A 255 -9.58 -12.69 -0.67
N LEU A 256 -10.64 -13.47 -0.46
CA LEU A 256 -10.75 -14.83 -0.98
C LEU A 256 -11.59 -14.81 -2.25
N VAL A 257 -11.02 -15.32 -3.34
CA VAL A 257 -11.69 -15.34 -4.64
C VAL A 257 -12.69 -16.48 -4.69
N LYS A 258 -13.96 -16.15 -4.87
CA LYS A 258 -14.96 -17.19 -5.06
C LYS A 258 -14.67 -17.97 -6.34
N ASP A 259 -14.83 -19.28 -6.26
CA ASP A 259 -14.71 -20.19 -7.39
C ASP A 259 -13.28 -20.34 -7.90
N GLY A 260 -12.28 -19.89 -7.14
CA GLY A 260 -10.91 -20.22 -7.43
C GLY A 260 -10.65 -21.70 -7.22
N PRO A 261 -9.49 -22.19 -7.66
CA PRO A 261 -9.23 -23.64 -7.58
C PRO A 261 -9.36 -24.25 -6.19
N GLY A 262 -8.99 -23.51 -5.16
CA GLY A 262 -9.07 -23.99 -3.79
C GLY A 262 -10.25 -23.48 -3.00
N TYR A 263 -11.28 -23.00 -3.69
CA TYR A 263 -12.43 -22.43 -3.00
C TYR A 263 -13.36 -23.50 -2.47
N ALA A 264 -13.89 -24.35 -3.35
CA ALA A 264 -14.92 -25.30 -2.94
C ALA A 264 -14.40 -26.28 -1.90
N ASP A 265 -13.13 -26.69 -1.99
CA ASP A 265 -12.60 -27.71 -1.10
C ASP A 265 -12.05 -27.15 0.20
N GLY A 266 -12.14 -25.85 0.42
CA GLY A 266 -11.75 -25.24 1.67
C GLY A 266 -10.27 -24.99 1.83
N SER A 267 -9.44 -25.38 0.85
CA SER A 267 -8.00 -25.28 1.03
C SER A 267 -7.54 -23.82 1.07
N ALA A 268 -8.14 -22.97 0.23
CA ALA A 268 -7.72 -21.57 0.20
C ALA A 268 -8.04 -20.89 1.53
N MET A 269 -9.23 -21.16 2.08
CA MET A 269 -9.59 -20.59 3.36
C MET A 269 -8.64 -21.06 4.46
N LYS A 270 -8.25 -22.33 4.45
CA LYS A 270 -7.33 -22.82 5.47
C LYS A 270 -5.99 -22.10 5.38
N VAL A 271 -5.47 -21.91 4.16
CA VAL A 271 -4.24 -21.16 3.98
C VAL A 271 -4.41 -19.73 4.49
N LEU A 272 -5.53 -19.09 4.13
CA LEU A 272 -5.74 -17.70 4.51
C LEU A 272 -5.78 -17.52 6.03
N ALA A 273 -6.49 -18.43 6.73
CA ALA A 273 -6.58 -18.34 8.19
C ALA A 273 -5.20 -18.47 8.84
N GLU A 274 -4.35 -19.32 8.30
CA GLU A 274 -3.02 -19.49 8.88
C GLU A 274 -2.09 -18.34 8.54
N MET A 275 -2.18 -17.79 7.32
CA MET A 275 -1.32 -16.68 6.95
C MET A 275 -1.62 -15.45 7.81
N THR A 276 -2.90 -15.24 8.14
CA THR A 276 -3.33 -14.07 8.89
C THR A 276 -3.37 -14.31 10.40
N SER A 277 -2.69 -15.35 10.87
CA SER A 277 -2.61 -15.62 12.31
C SER A 277 -1.72 -14.60 13.00
N THR A 278 -1.80 -14.57 14.33
CA THR A 278 -0.94 -13.71 15.14
C THR A 278 0.52 -13.90 14.76
N GLU A 279 0.97 -15.15 14.69
CA GLU A 279 2.37 -15.43 14.44
C GLU A 279 2.74 -15.08 13.00
N GLY A 280 1.85 -15.34 12.04
CA GLY A 280 2.14 -15.05 10.65
C GLY A 280 2.32 -13.56 10.41
N LEU A 281 1.37 -12.76 10.88
CA LEU A 281 1.48 -11.32 10.61
C LEU A 281 2.68 -10.72 11.32
N ALA A 282 2.98 -11.16 12.53
CA ALA A 282 4.20 -10.69 13.19
C ALA A 282 5.44 -11.10 12.41
N GLY A 283 5.44 -12.30 11.87
CA GLY A 283 6.60 -12.79 11.13
C GLY A 283 6.96 -11.95 9.92
N SER A 284 5.95 -11.41 9.23
CA SER A 284 6.24 -10.60 8.05
C SER A 284 7.05 -9.36 8.40
N ALA A 285 6.85 -8.81 9.60
CA ALA A 285 7.54 -7.60 10.02
C ALA A 285 8.99 -7.85 10.40
N LYS A 286 9.44 -9.11 10.38
CA LYS A 286 10.88 -9.37 10.47
C LYS A 286 11.59 -9.03 9.17
N TYR A 287 10.85 -8.79 8.09
CA TYR A 287 11.41 -8.62 6.77
C TYR A 287 11.17 -7.25 6.16
N ILE A 288 10.09 -6.57 6.54
CA ILE A 288 9.74 -5.29 5.91
C ILE A 288 9.07 -4.42 6.98
N ALA A 289 9.19 -3.11 6.80
CA ALA A 289 8.66 -2.12 7.74
C ALA A 289 7.18 -1.83 7.52
N TYR A 290 6.37 -2.89 7.60
CA TYR A 290 4.91 -2.79 7.56
C TYR A 290 4.35 -3.34 8.85
N ALA A 291 3.38 -2.66 9.41
CA ALA A 291 2.89 -2.94 10.75
C ALA A 291 1.79 -4.01 10.71
N PRO A 292 1.86 -5.04 11.54
CA PRO A 292 0.78 -6.03 11.57
C PRO A 292 -0.55 -5.43 11.98
N TRP A 293 -1.62 -6.00 11.42
CA TRP A 293 -2.98 -5.56 11.71
C TRP A 293 -3.46 -5.95 13.10
N ARG A 294 -2.93 -7.04 13.67
CA ARG A 294 -3.40 -7.55 14.95
C ARG A 294 -2.63 -6.93 16.10
N LYS A 295 -3.37 -6.56 17.15
CA LYS A 295 -2.75 -6.08 18.38
C LYS A 295 -1.81 -7.13 18.97
N SER A 296 -2.20 -8.40 18.92
CA SER A 296 -1.34 -9.45 19.45
C SER A 296 -0.01 -9.50 18.71
N SER A 297 -0.05 -9.36 17.38
CA SER A 297 1.16 -9.39 16.57
C SER A 297 2.04 -8.18 16.85
N ILE A 298 1.44 -7.00 16.99
CA ILE A 298 2.19 -5.80 17.34
C ILE A 298 2.92 -6.01 18.65
N ALA A 299 2.24 -6.57 19.65
CA ALA A 299 2.84 -6.77 20.95
C ALA A 299 4.03 -7.73 20.86
N ILE A 300 3.92 -8.77 20.03
CA ILE A 300 5.04 -9.69 19.83
C ILE A 300 6.23 -8.95 19.25
N MET A 301 6.00 -8.19 18.19
CA MET A 301 7.07 -7.45 17.53
C MET A 301 7.77 -6.51 18.51
N GLU A 302 6.99 -5.75 19.28
CA GLU A 302 7.57 -4.77 20.19
C GLU A 302 8.38 -5.45 21.29
N ALA A 303 7.85 -6.53 21.86
CA ALA A 303 8.57 -7.24 22.92
C ALA A 303 9.82 -7.92 22.38
N GLY A 304 9.84 -8.26 21.10
CA GLY A 304 10.93 -8.98 20.48
C GLY A 304 11.97 -8.12 19.79
N GLU A 305 11.96 -6.81 20.01
CA GLU A 305 12.95 -5.95 19.39
C GLU A 305 14.34 -6.31 19.87
N PRO A 306 15.36 -6.23 18.99
CA PRO A 306 15.27 -5.85 17.57
C PRO A 306 14.65 -6.97 16.73
N TRP A 307 13.54 -6.64 16.05
CA TRP A 307 12.72 -7.66 15.42
C TRP A 307 13.16 -7.99 13.99
N PHE A 308 13.97 -7.14 13.36
CA PHE A 308 14.41 -7.43 12.01
C PHE A 308 15.17 -8.74 11.98
N LYS A 309 15.17 -9.37 10.80
CA LYS A 309 15.80 -10.69 10.62
C LYS A 309 17.24 -10.75 11.10
N ASP A 310 17.95 -9.62 11.15
CA ASP A 310 19.36 -9.64 11.55
C ASP A 310 19.56 -9.69 13.06
N GLY A 311 18.48 -9.59 13.83
CA GLY A 311 18.62 -9.57 15.28
C GLY A 311 19.27 -8.33 15.84
N LYS A 312 19.41 -7.26 15.06
CA LYS A 312 19.99 -6.02 15.58
C LYS A 312 19.26 -4.75 15.15
N THR A 313 18.52 -4.74 14.04
CA THR A 313 17.80 -3.54 13.62
C THR A 313 16.42 -3.52 14.29
N ASN A 314 16.15 -2.44 15.04
CA ASN A 314 14.83 -2.25 15.63
C ASN A 314 13.84 -1.84 14.54
N MET A 315 12.69 -2.49 14.51
CA MET A 315 11.71 -2.22 13.46
C MET A 315 10.72 -1.13 13.81
N VAL A 316 10.43 -0.91 15.10
CA VAL A 316 9.37 0.03 15.47
C VAL A 316 9.61 1.42 14.89
N PRO A 317 10.83 1.99 14.95
CA PRO A 317 11.00 3.36 14.42
C PRO A 317 10.77 3.46 12.93
N HIS A 318 10.77 2.34 12.21
CA HIS A 318 10.56 2.34 10.77
C HIS A 318 9.10 2.13 10.38
N MET A 319 8.24 1.90 11.34
CA MET A 319 6.88 1.52 11.03
C MET A 319 6.02 2.71 10.60
N PRO A 320 5.03 2.46 9.75
CA PRO A 320 4.10 3.52 9.35
C PRO A 320 3.39 4.16 10.53
N THR A 321 3.27 3.43 11.63
CA THR A 321 2.50 3.81 12.79
C THR A 321 3.37 4.36 13.90
N ALA A 322 4.67 4.50 13.70
CA ALA A 322 5.50 5.10 14.74
C ALA A 322 5.10 6.56 14.91
N PRO A 323 4.95 7.05 16.14
CA PRO A 323 4.51 8.44 16.32
C PRO A 323 5.33 9.45 15.55
N SER A 324 6.65 9.27 15.48
CA SER A 324 7.48 10.20 14.73
CA SER A 324 7.47 10.21 14.74
C SER A 324 7.12 10.23 13.26
N ASN A 325 6.69 9.11 12.70
CA ASN A 325 6.33 9.04 11.29
C ASN A 325 4.91 9.52 11.03
N LEU A 326 4.10 9.69 12.07
CA LEU A 326 2.69 10.07 11.94
C LEU A 326 2.42 11.55 12.13
N LYS A 327 3.45 12.37 12.35
CA LYS A 327 3.22 13.75 12.79
C LYS A 327 2.29 14.52 11.86
N SER A 328 2.36 14.29 10.55
CA SER A 328 1.53 15.04 9.60
C SER A 328 0.88 14.12 8.59
N HIS A 329 0.42 12.97 9.04
CA HIS A 329 -0.11 11.97 8.12
C HIS A 329 -1.53 12.28 7.67
N ILE A 330 -1.86 11.68 6.54
CA ILE A 330 -3.22 11.61 5.99
C ILE A 330 -3.67 10.17 6.18
N LEU A 331 -4.94 9.96 6.55
CA LEU A 331 -5.49 8.60 6.61
C LEU A 331 -6.23 8.29 5.32
N MET A 332 -5.77 7.28 4.57
CA MET A 332 -6.43 6.91 3.33
C MET A 332 -7.90 6.59 3.60
N ASN A 333 -8.78 7.04 2.70
CA ASN A 333 -10.20 6.75 2.79
C ASN A 333 -10.58 5.80 1.66
N PRO A 334 -10.84 4.52 1.94
CA PRO A 334 -11.11 3.59 0.84
C PRO A 334 -12.51 3.76 0.24
N ASP A 335 -13.49 4.21 1.02
CA ASP A 335 -14.82 4.43 0.46
C ASP A 335 -14.78 5.54 -0.58
N TYR A 336 -14.01 6.59 -0.32
CA TYR A 336 -13.93 7.69 -1.27
C TYR A 336 -13.47 7.19 -2.63
N TRP A 337 -12.41 6.38 -2.65
CA TRP A 337 -11.85 5.90 -3.90
C TRP A 337 -12.73 4.81 -4.52
N ALA A 338 -13.31 3.92 -3.71
CA ALA A 338 -14.23 2.95 -4.29
C ALA A 338 -15.41 3.66 -4.96
N ASP A 339 -15.93 4.70 -4.33
CA ASP A 339 -17.09 5.39 -4.85
C ASP A 339 -16.77 6.25 -6.05
N ASN A 340 -15.61 6.92 -6.06
CA ASN A 340 -15.35 7.98 -7.02
C ASN A 340 -14.23 7.70 -8.01
N GLN A 341 -13.58 6.56 -7.95
CA GLN A 341 -12.40 6.39 -8.81
C GLN A 341 -12.74 6.47 -10.30
N ASP A 342 -13.92 6.01 -10.76
CA ASP A 342 -14.20 6.07 -12.19
C ASP A 342 -14.30 7.51 -12.67
N GLU A 343 -15.07 8.33 -11.97
CA GLU A 343 -15.23 9.72 -12.35
C GLU A 343 -13.91 10.44 -12.31
N ILE A 344 -13.14 10.22 -11.25
CA ILE A 344 -11.86 10.91 -11.11
C ILE A 344 -10.89 10.43 -12.17
N ASN A 345 -10.87 9.12 -12.44
CA ASN A 345 -9.89 8.59 -13.39
C ASN A 345 -10.12 9.16 -14.79
N GLU A 346 -11.36 9.45 -15.16
CA GLU A 346 -11.58 10.05 -16.46
C GLU A 346 -10.84 11.38 -16.56
N LYS A 347 -10.94 12.21 -15.52
CA LYS A 347 -10.27 13.50 -15.55
C LYS A 347 -8.76 13.33 -15.44
N TRP A 348 -8.31 12.38 -14.61
CA TRP A 348 -6.89 12.11 -14.43
C TRP A 348 -6.26 11.68 -15.74
N GLU A 349 -6.88 10.73 -16.44
CA GLU A 349 -6.31 10.25 -17.68
C GLU A 349 -6.37 11.31 -18.76
N ALA A 350 -7.38 12.18 -18.74
CA ALA A 350 -7.40 13.28 -19.70
C ALA A 350 -6.25 14.24 -19.44
N MET A 351 -5.95 14.50 -18.16
CA MET A 351 -4.80 15.33 -17.83
C MET A 351 -3.50 14.69 -18.33
N LYS A 352 -3.34 13.39 -18.08
CA LYS A 352 -2.12 12.71 -18.53
C LYS A 352 -1.99 12.70 -20.05
N ALA A 353 -3.10 12.50 -20.77
CA ALA A 353 -3.07 12.54 -22.22
C ALA A 353 -2.68 13.92 -22.73
N GLY A 354 -3.08 14.96 -22.00
CA GLY A 354 -2.74 16.31 -22.39
C GLY A 354 -1.27 16.60 -22.21
N LEU A 355 -0.60 15.90 -21.28
CA LEU A 355 0.83 16.10 -21.10
C LEU A 355 1.58 15.70 -22.36
N HIS A 356 1.13 14.62 -23.00
CA HIS A 356 1.75 14.12 -24.22
C HIS A 356 1.42 15.03 -25.40
N HIS A 357 0.13 15.33 -25.58
CA HIS A 357 -0.30 16.07 -26.76
C HIS A 357 0.36 17.44 -26.85
N HIS A 358 0.69 18.05 -25.71
CA HIS A 358 1.40 19.32 -25.68
C HIS A 358 2.90 19.15 -25.53
N HIS A 359 3.40 17.93 -25.42
CA HIS A 359 4.82 17.69 -25.25
C HIS A 359 5.52 17.73 -26.60
N HIS A 360 6.55 18.57 -26.70
CA HIS A 360 7.38 18.63 -27.91
C HIS A 360 8.58 17.72 -27.72
N HIS A 361 8.86 16.88 -28.72
CA HIS A 361 9.99 15.98 -28.66
C HIS A 361 11.29 16.74 -28.36
#